data_8EGN
#
_entry.id   8EGN
#
_cell.length_a   71.690
_cell.length_b   75.160
_cell.length_c   109.790
_cell.angle_alpha   90.000
_cell.angle_beta   90.000
_cell.angle_gamma   90.000
#
_symmetry.space_group_name_H-M   'P 21 21 21'
#
loop_
_entity.id
_entity.type
_entity.pdbx_description
1 polymer 'UDP-N-acetylmuramate--L-alanine ligase'
2 non-polymer (1R,2S)-1-({4-[(5-tert-butyl-1-methyl-1H-pyrazol-3-yl)amino]-1H-pyrazolo[3,4-d]pyrimidin-6-yl}amino)-2,3-dihydro-1H-inden-2-ol
3 non-polymer 'SULFATE ION'
4 water water
#
_entity_poly.entity_id   1
_entity_poly.type   'polypeptide(L)'
_entity_poly.pdbx_seq_one_letter_code
;MAHHHHHHMRRIHFVGIGGAGMCGIAEVLLNLGYEVSGSDLKASAVTERLEKFGAQIFIGHQAENADGADVLVVSSAINR
ANPEVASALERRIPVVPRAEMLAELMRYRHGIAVAGTHGKTTTTSLIASVFAAGGLDPTFVIGGRLNAAGTNAQLGASRY
LVAEADESDASFLHLQPMVAVVTNIDADHMATYGGDFNKLKKTFVEFLHNLPFYGLAVMCVDDPVVREILPQIARPTVTY
GLSEDADVRAINIRQEGMRTWFTVLRPEREPLDVSVNMPGLHNVLNSLATIVIATDEGISDEAIVQGLSGFQGVGR
;
_entity_poly.pdbx_strand_id   A,B
#
# COMPACT_ATOMS: atom_id res chain seq x y z
N HIS A 4 -9.02 -18.81 -7.16
CA HIS A 4 -8.25 -19.12 -5.96
C HIS A 4 -8.94 -18.63 -4.68
N HIS A 5 -8.47 -19.10 -3.53
CA HIS A 5 -8.92 -18.61 -2.24
C HIS A 5 -7.77 -17.91 -1.50
N HIS A 6 -8.14 -16.86 -0.75
CA HIS A 6 -7.24 -16.10 0.12
C HIS A 6 -6.11 -15.38 -0.59
N HIS A 7 -5.37 -16.08 -1.47
CA HIS A 7 -4.33 -15.49 -2.31
C HIS A 7 -4.72 -15.71 -3.76
N HIS A 8 -5.01 -14.63 -4.49
CA HIS A 8 -5.70 -14.74 -5.77
C HIS A 8 -4.82 -14.56 -6.99
N MET A 9 -3.51 -14.50 -6.82
CA MET A 9 -2.57 -14.49 -7.94
C MET A 9 -1.58 -15.61 -7.72
N ARG A 10 -1.59 -16.60 -8.59
CA ARG A 10 -0.56 -17.64 -8.58
C ARG A 10 0.23 -17.71 -9.88
N ARG A 11 -0.43 -17.43 -11.01
CA ARG A 11 0.18 -17.53 -12.33
C ARG A 11 -0.05 -16.22 -13.06
N ILE A 12 1.04 -15.60 -13.52
CA ILE A 12 1.01 -14.38 -14.31
C ILE A 12 1.44 -14.72 -15.74
N HIS A 13 0.71 -14.21 -16.73
CA HIS A 13 0.98 -14.47 -18.12
C HIS A 13 1.36 -13.18 -18.84
N PHE A 14 2.47 -13.20 -19.57
CA PHE A 14 2.97 -12.04 -20.31
C PHE A 14 2.71 -12.22 -21.79
N VAL A 15 2.03 -11.26 -22.41
CA VAL A 15 1.88 -11.26 -23.87
C VAL A 15 3.07 -10.47 -24.43
N GLY A 16 3.93 -11.15 -25.17
CA GLY A 16 5.13 -10.49 -25.65
C GLY A 16 6.24 -10.52 -24.62
N ILE A 17 6.47 -11.69 -24.02
CA ILE A 17 7.37 -11.79 -22.87
C ILE A 17 8.83 -11.62 -23.27
N GLY A 18 9.15 -11.76 -24.56
CA GLY A 18 10.53 -11.57 -24.98
C GLY A 18 10.97 -10.13 -25.05
N GLY A 19 10.06 -9.19 -24.85
CA GLY A 19 10.43 -7.78 -24.89
C GLY A 19 11.33 -7.41 -23.73
N ALA A 20 12.22 -6.43 -23.98
CA ALA A 20 13.22 -6.07 -22.98
C ALA A 20 12.58 -5.51 -21.71
N GLY A 21 11.41 -4.88 -21.83
CA GLY A 21 10.74 -4.37 -20.65
C GLY A 21 9.92 -5.43 -19.91
N MET A 22 9.60 -6.53 -20.57
CA MET A 22 8.77 -7.58 -20.00
C MET A 22 9.58 -8.69 -19.33
N CYS A 23 10.73 -9.07 -19.91
CA CYS A 23 11.44 -10.24 -19.41
C CYS A 23 11.92 -10.03 -17.98
N GLY A 24 12.35 -8.80 -17.64
CA GLY A 24 12.81 -8.55 -16.28
C GLY A 24 11.71 -8.73 -15.27
N ILE A 25 10.52 -8.25 -15.58
CA ILE A 25 9.41 -8.40 -14.65
C ILE A 25 9.09 -9.88 -14.45
N ALA A 26 9.06 -10.64 -15.54
CA ALA A 26 8.83 -12.09 -15.45
C ALA A 26 9.86 -12.76 -14.56
N GLU A 27 11.14 -12.42 -14.74
CA GLU A 27 12.20 -13.01 -13.94
C GLU A 27 12.01 -12.73 -12.45
N VAL A 28 11.62 -11.50 -12.10
CA VAL A 28 11.37 -11.18 -10.70
C VAL A 28 10.21 -12.00 -10.16
N LEU A 29 9.11 -12.06 -10.91
CA LEU A 29 7.97 -12.84 -10.45
C LEU A 29 8.34 -14.31 -10.28
N LEU A 30 9.22 -14.83 -11.14
CA LEU A 30 9.69 -16.19 -10.95
C LEU A 30 10.51 -16.32 -9.68
N ASN A 31 11.38 -15.33 -9.41
CA ASN A 31 12.16 -15.35 -8.18
CA ASN A 31 12.15 -15.37 -8.17
C ASN A 31 11.28 -15.20 -6.94
N LEU A 32 10.15 -14.49 -7.07
CA LEU A 32 9.20 -14.41 -5.97
C LEU A 32 8.44 -15.71 -5.74
N GLY A 33 8.53 -16.68 -6.65
CA GLY A 33 7.85 -17.94 -6.46
C GLY A 33 6.56 -18.11 -7.24
N TYR A 34 6.20 -17.14 -8.08
CA TYR A 34 5.00 -17.26 -8.88
C TYR A 34 5.25 -18.13 -10.10
N GLU A 35 4.17 -18.76 -10.58
CA GLU A 35 4.17 -19.37 -11.90
C GLU A 35 4.09 -18.26 -12.94
N VAL A 36 4.94 -18.35 -13.96
CA VAL A 36 4.96 -17.35 -15.01
C VAL A 36 4.88 -18.04 -16.36
N SER A 37 3.98 -17.58 -17.21
CA SER A 37 3.92 -18.01 -18.60
C SER A 37 4.06 -16.79 -19.47
N GLY A 38 4.39 -17.01 -20.74
CA GLY A 38 4.56 -15.88 -21.64
C GLY A 38 4.42 -16.32 -23.07
N SER A 39 3.93 -15.42 -23.90
CA SER A 39 3.86 -15.70 -25.33
C SER A 39 4.76 -14.74 -26.09
N ASP A 40 5.23 -15.18 -27.26
CA ASP A 40 5.94 -14.26 -28.12
C ASP A 40 5.86 -14.77 -29.55
N LEU A 41 6.08 -13.86 -30.48
CA LEU A 41 5.98 -14.24 -31.88
C LEU A 41 7.14 -15.11 -32.32
N LYS A 42 8.27 -15.07 -31.62
CA LYS A 42 9.37 -15.94 -32.00
C LYS A 42 10.20 -16.28 -30.77
N ALA A 43 10.73 -17.50 -30.76
CA ALA A 43 11.62 -17.88 -29.68
C ALA A 43 12.96 -17.15 -29.82
N SER A 44 13.63 -16.95 -28.69
CA SER A 44 14.86 -16.17 -28.71
C SER A 44 15.72 -16.59 -27.53
N ALA A 45 16.95 -16.07 -27.50
CA ALA A 45 17.77 -16.26 -26.31
C ALA A 45 17.04 -15.77 -25.06
N VAL A 46 16.20 -14.74 -25.19
CA VAL A 46 15.47 -14.19 -24.03
C VAL A 46 14.43 -15.19 -23.54
N THR A 47 13.64 -15.75 -24.46
CA THR A 47 12.65 -16.73 -24.00
C THR A 47 13.33 -17.96 -23.45
N GLU A 48 14.47 -18.36 -24.04
CA GLU A 48 15.17 -19.54 -23.54
C GLU A 48 15.66 -19.32 -22.11
N ARG A 49 16.24 -18.14 -21.83
CA ARG A 49 16.65 -17.81 -20.48
C ARG A 49 15.48 -17.86 -19.51
N LEU A 50 14.33 -17.30 -19.91
CA LEU A 50 13.14 -17.33 -19.06
C LEU A 50 12.67 -18.75 -18.82
N GLU A 51 12.70 -19.59 -19.86
CA GLU A 51 12.28 -20.98 -19.66
C GLU A 51 13.19 -21.69 -18.67
N LYS A 52 14.49 -21.37 -18.68
CA LYS A 52 15.42 -21.99 -17.73
C LYS A 52 15.14 -21.55 -16.29
N PHE A 53 14.62 -20.33 -16.11
CA PHE A 53 14.21 -19.85 -14.79
C PHE A 53 12.86 -20.40 -14.36
N GLY A 54 12.17 -21.14 -15.22
CA GLY A 54 10.90 -21.77 -14.90
C GLY A 54 9.69 -21.23 -15.62
N ALA A 55 9.85 -20.26 -16.52
CA ALA A 55 8.73 -19.73 -17.27
C ALA A 55 8.22 -20.76 -18.27
N GLN A 56 6.91 -20.77 -18.48
CA GLN A 56 6.33 -21.56 -19.57
C GLN A 56 6.19 -20.65 -20.78
N ILE A 57 6.84 -21.01 -21.88
CA ILE A 57 6.93 -20.18 -23.07
C ILE A 57 5.98 -20.71 -24.14
N PHE A 58 5.20 -19.83 -24.74
CA PHE A 58 4.39 -20.17 -25.89
C PHE A 58 4.81 -19.30 -27.07
N ILE A 59 5.01 -19.92 -28.21
CA ILE A 59 5.35 -19.20 -29.44
C ILE A 59 4.09 -19.05 -30.26
N GLY A 60 3.82 -17.82 -30.69
CA GLY A 60 2.57 -17.48 -31.33
C GLY A 60 1.53 -16.99 -30.33
N HIS A 61 0.45 -16.46 -30.87
CA HIS A 61 -0.63 -15.98 -30.01
C HIS A 61 -1.86 -16.82 -30.30
N GLN A 62 -2.33 -17.53 -29.28
CA GLN A 62 -3.60 -18.21 -29.36
C GLN A 62 -4.24 -18.10 -27.98
N ALA A 63 -5.57 -18.01 -28.00
CA ALA A 63 -6.33 -17.75 -26.79
C ALA A 63 -5.91 -18.67 -25.65
N GLU A 64 -5.61 -19.93 -25.96
CA GLU A 64 -5.33 -20.92 -24.93
C GLU A 64 -4.05 -20.62 -24.17
N ASN A 65 -3.15 -19.79 -24.72
CA ASN A 65 -1.92 -19.46 -24.00
C ASN A 65 -2.22 -18.84 -22.65
N ALA A 66 -3.37 -18.18 -22.52
CA ALA A 66 -3.76 -17.53 -21.28
C ALA A 66 -4.49 -18.45 -20.32
N ASP A 67 -4.74 -19.71 -20.70
CA ASP A 67 -5.48 -20.60 -19.81
C ASP A 67 -4.74 -20.74 -18.49
N GLY A 68 -5.49 -20.64 -17.38
CA GLY A 68 -4.91 -20.75 -16.05
C GLY A 68 -4.30 -19.48 -15.48
N ALA A 69 -4.15 -18.42 -16.28
CA ALA A 69 -3.54 -17.21 -15.76
C ALA A 69 -4.50 -16.46 -14.84
N ASP A 70 -3.93 -15.90 -13.76
CA ASP A 70 -4.68 -15.05 -12.83
C ASP A 70 -4.59 -13.59 -13.19
N VAL A 71 -3.53 -13.19 -13.88
CA VAL A 71 -3.29 -11.83 -14.32
C VAL A 71 -2.53 -11.90 -15.64
N LEU A 72 -2.88 -11.02 -16.58
CA LEU A 72 -2.13 -10.86 -17.82
C LEU A 72 -1.43 -9.51 -17.80
N VAL A 73 -0.19 -9.50 -18.29
CA VAL A 73 0.60 -8.28 -18.42
C VAL A 73 0.87 -8.04 -19.91
N VAL A 74 0.54 -6.84 -20.36
CA VAL A 74 0.78 -6.41 -21.72
C VAL A 74 1.78 -5.28 -21.65
N SER A 75 2.45 -5.02 -22.78
CA SER A 75 3.47 -3.98 -22.81
C SER A 75 2.88 -2.62 -22.42
N SER A 76 1.77 -2.23 -23.02
CA SER A 76 1.13 -0.96 -22.72
C SER A 76 -0.34 -1.00 -23.10
N ALA A 77 -0.63 -0.81 -24.39
CA ALA A 77 -2.01 -0.80 -24.85
C ALA A 77 -2.63 -2.19 -24.69
N ILE A 78 -3.93 -2.19 -24.40
CA ILE A 78 -4.71 -3.40 -24.25
C ILE A 78 -5.40 -3.64 -25.59
N ASN A 79 -4.90 -4.60 -26.35
CA ASN A 79 -5.38 -4.85 -27.71
C ASN A 79 -6.41 -5.97 -27.64
N ARG A 80 -7.69 -5.59 -27.69
CA ARG A 80 -8.77 -6.56 -27.65
C ARG A 80 -8.81 -7.47 -28.87
N ALA A 81 -8.06 -7.15 -29.93
CA ALA A 81 -7.94 -8.07 -31.05
C ALA A 81 -6.98 -9.20 -30.77
N ASN A 82 -6.12 -9.06 -29.78
CA ASN A 82 -5.20 -10.14 -29.44
C ASN A 82 -5.96 -11.27 -28.75
N PRO A 83 -5.89 -12.51 -29.27
CA PRO A 83 -6.72 -13.58 -28.71
C PRO A 83 -6.42 -13.92 -27.27
N GLU A 84 -5.17 -13.73 -26.83
CA GLU A 84 -4.87 -13.97 -25.42
C GLU A 84 -5.51 -12.91 -24.54
N VAL A 85 -5.38 -11.64 -24.95
CA VAL A 85 -6.02 -10.56 -24.21
C VAL A 85 -7.53 -10.75 -24.19
N ALA A 86 -8.13 -11.04 -25.35
CA ALA A 86 -9.58 -11.17 -25.43
C ALA A 86 -10.08 -12.31 -24.56
N SER A 87 -9.37 -13.44 -24.57
CA SER A 87 -9.77 -14.57 -23.72
C SER A 87 -9.70 -14.17 -22.25
N ALA A 88 -8.63 -13.49 -21.85
CA ALA A 88 -8.52 -13.03 -20.47
C ALA A 88 -9.68 -12.09 -20.12
N LEU A 89 -9.94 -11.10 -20.97
CA LEU A 89 -11.00 -10.14 -20.68
C LEU A 89 -12.36 -10.82 -20.58
N GLU A 90 -12.63 -11.78 -21.46
CA GLU A 90 -13.90 -12.49 -21.43
C GLU A 90 -14.15 -13.16 -20.07
N ARG A 91 -13.08 -13.54 -19.37
CA ARG A 91 -13.17 -14.23 -18.09
C ARG A 91 -12.89 -13.33 -16.89
N ARG A 92 -12.85 -12.02 -17.08
CA ARG A 92 -12.54 -11.05 -16.02
C ARG A 92 -11.16 -11.29 -15.42
N ILE A 93 -10.24 -11.85 -16.20
CA ILE A 93 -8.85 -11.91 -15.78
C ILE A 93 -8.25 -10.51 -15.93
N PRO A 94 -7.67 -9.94 -14.89
CA PRO A 94 -7.08 -8.61 -15.03
C PRO A 94 -6.02 -8.60 -16.11
N VAL A 95 -6.05 -7.57 -16.94
CA VAL A 95 -5.04 -7.33 -17.96
C VAL A 95 -4.43 -5.97 -17.64
N VAL A 96 -3.13 -5.95 -17.33
CA VAL A 96 -2.50 -4.71 -16.87
C VAL A 96 -1.28 -4.38 -17.72
N PRO A 97 -1.00 -3.09 -17.96
CA PRO A 97 0.26 -2.74 -18.64
C PRO A 97 1.44 -3.05 -17.74
N ARG A 98 2.61 -3.23 -18.36
CA ARG A 98 3.78 -3.64 -17.58
C ARG A 98 4.15 -2.59 -16.54
N ALA A 99 3.90 -1.30 -16.81
CA ALA A 99 4.20 -0.27 -15.82
C ALA A 99 3.44 -0.51 -14.51
N GLU A 100 2.23 -1.07 -14.61
CA GLU A 100 1.44 -1.32 -13.42
C GLU A 100 1.97 -2.53 -12.68
N MET A 101 2.32 -3.59 -13.42
CA MET A 101 2.95 -4.75 -12.79
C MET A 101 4.29 -4.35 -12.18
N LEU A 102 5.04 -3.49 -12.86
CA LEU A 102 6.32 -3.04 -12.35
C LEU A 102 6.15 -2.29 -11.03
N ALA A 103 5.16 -1.37 -10.97
CA ALA A 103 4.86 -0.67 -9.72
C ALA A 103 4.49 -1.63 -8.62
N GLU A 104 3.71 -2.65 -8.96
CA GLU A 104 3.21 -3.61 -7.99
C GLU A 104 4.34 -4.39 -7.32
N LEU A 105 5.47 -4.59 -8.01
CA LEU A 105 6.56 -5.36 -7.41
C LEU A 105 7.04 -4.76 -6.10
N MET A 106 6.89 -3.43 -5.91
CA MET A 106 7.37 -2.84 -4.67
C MET A 106 6.64 -3.37 -3.44
N ARG A 107 5.40 -3.86 -3.61
CA ARG A 107 4.66 -4.45 -2.50
C ARG A 107 5.32 -5.68 -1.93
N TYR A 108 6.13 -6.35 -2.73
CA TYR A 108 6.72 -7.62 -2.33
C TYR A 108 8.14 -7.42 -1.83
N ARG A 109 8.62 -6.18 -1.84
CA ARG A 109 10.02 -5.90 -1.61
C ARG A 109 10.14 -4.69 -0.69
N HIS A 110 11.33 -4.49 -0.13
CA HIS A 110 11.65 -3.24 0.57
C HIS A 110 11.91 -2.21 -0.52
N GLY A 111 10.86 -1.45 -0.86
CA GLY A 111 10.93 -0.54 -1.98
C GLY A 111 11.46 0.83 -1.61
N ILE A 112 12.39 1.32 -2.42
CA ILE A 112 12.94 2.66 -2.27
C ILE A 112 12.60 3.41 -3.55
N ALA A 113 11.68 4.37 -3.46
CA ALA A 113 11.20 5.12 -4.61
C ALA A 113 11.87 6.49 -4.62
N VAL A 114 12.45 6.84 -5.76
CA VAL A 114 13.22 8.06 -5.90
C VAL A 114 12.42 8.98 -6.80
N ALA A 115 11.86 10.03 -6.20
CA ALA A 115 11.00 11.00 -6.88
C ALA A 115 11.66 12.37 -6.86
N GLY A 116 11.07 13.28 -7.64
CA GLY A 116 11.58 14.61 -7.80
C GLY A 116 11.68 14.95 -9.25
N THR A 117 11.69 16.25 -9.56
CA THR A 117 11.77 16.66 -10.96
C THR A 117 13.11 16.27 -11.59
N HIS A 118 14.21 16.48 -10.87
CA HIS A 118 15.54 16.28 -11.40
C HIS A 118 16.38 15.39 -10.49
N GLY A 119 17.21 14.53 -11.09
CA GLY A 119 18.16 13.74 -10.33
C GLY A 119 17.73 12.32 -10.02
N LYS A 120 16.55 11.89 -10.47
CA LYS A 120 16.02 10.59 -10.10
C LYS A 120 16.93 9.45 -10.57
N THR A 121 17.38 9.53 -11.82
CA THR A 121 18.14 8.42 -12.41
C THR A 121 19.51 8.28 -11.74
N THR A 122 20.21 9.41 -11.57
CA THR A 122 21.53 9.35 -10.92
C THR A 122 21.39 8.92 -9.47
N THR A 123 20.41 9.45 -8.74
CA THR A 123 20.23 9.06 -7.35
C THR A 123 19.88 7.58 -7.24
N THR A 124 18.97 7.10 -8.10
CA THR A 124 18.66 5.67 -8.13
C THR A 124 19.91 4.84 -8.38
N SER A 125 20.72 5.24 -9.35
CA SER A 125 21.95 4.52 -9.65
C SER A 125 22.91 4.54 -8.48
N LEU A 126 23.06 5.69 -7.81
CA LEU A 126 23.98 5.78 -6.67
C LEU A 126 23.51 4.93 -5.50
N ILE A 127 22.22 4.97 -5.21
CA ILE A 127 21.70 4.11 -4.14
C ILE A 127 21.98 2.66 -4.44
N ALA A 128 21.73 2.23 -5.69
CA ALA A 128 22.02 0.86 -6.07
C ALA A 128 23.50 0.55 -5.91
N SER A 129 24.36 1.49 -6.29
CA SER A 129 25.79 1.27 -6.16
CA SER A 129 25.79 1.25 -6.16
C SER A 129 26.20 1.08 -4.70
N VAL A 130 25.63 1.91 -3.80
CA VAL A 130 26.01 1.83 -2.39
C VAL A 130 25.41 0.59 -1.74
N PHE A 131 24.14 0.27 -2.05
CA PHE A 131 23.54 -0.95 -1.53
C PHE A 131 24.28 -2.20 -2.01
N ALA A 132 24.75 -2.20 -3.26
CA ALA A 132 25.58 -3.31 -3.74
C ALA A 132 26.87 -3.42 -2.94
N ALA A 133 27.55 -2.29 -2.73
CA ALA A 133 28.77 -2.29 -1.92
C ALA A 133 28.50 -2.75 -0.50
N GLY A 134 27.30 -2.53 0.01
CA GLY A 134 26.95 -3.04 1.31
C GLY A 134 26.52 -4.49 1.33
N GLY A 135 26.67 -5.22 0.22
CA GLY A 135 26.30 -6.61 0.15
C GLY A 135 24.81 -6.89 0.14
N LEU A 136 23.99 -5.90 -0.19
CA LEU A 136 22.54 -6.06 -0.21
C LEU A 136 21.97 -6.47 -1.56
N ASP A 137 22.81 -6.49 -2.61
CA ASP A 137 22.44 -7.00 -3.93
C ASP A 137 21.11 -6.45 -4.44
N PRO A 138 20.97 -5.14 -4.59
CA PRO A 138 19.66 -4.57 -4.93
C PRO A 138 19.28 -4.82 -6.38
N THR A 139 17.97 -4.95 -6.60
CA THR A 139 17.41 -4.78 -7.93
C THR A 139 16.97 -3.33 -8.07
N PHE A 140 17.19 -2.73 -9.24
CA PHE A 140 16.85 -1.33 -9.38
C PHE A 140 16.27 -1.04 -10.76
N VAL A 141 15.45 0.00 -10.82
CA VAL A 141 14.65 0.33 -11.99
C VAL A 141 14.99 1.74 -12.46
N ILE A 142 15.54 1.83 -13.67
CA ILE A 142 15.74 3.10 -14.36
C ILE A 142 15.19 2.91 -15.77
N GLY A 143 14.39 3.87 -16.23
CA GLY A 143 13.82 3.76 -17.56
C GLY A 143 12.92 2.58 -17.77
N GLY A 144 12.20 2.14 -16.73
CA GLY A 144 11.30 1.02 -16.86
C GLY A 144 11.99 -0.31 -17.08
N ARG A 145 13.30 -0.38 -16.89
CA ARG A 145 14.06 -1.62 -17.05
C ARG A 145 14.63 -2.03 -15.70
N LEU A 146 14.50 -3.32 -15.40
CA LEU A 146 15.01 -3.86 -14.14
C LEU A 146 16.45 -4.30 -14.30
N ASN A 147 17.27 -3.98 -13.30
CA ASN A 147 18.66 -4.37 -13.28
C ASN A 147 19.03 -4.84 -11.88
N ALA A 148 20.09 -5.65 -11.81
CA ALA A 148 20.63 -6.15 -10.56
C ALA A 148 22.11 -5.80 -10.50
N ALA A 149 22.62 -5.63 -9.27
CA ALA A 149 24.02 -5.25 -9.03
C ALA A 149 25.01 -5.97 -9.95
N GLY A 150 24.94 -7.30 -10.03
CA GLY A 150 25.82 -8.06 -10.88
C GLY A 150 25.06 -9.11 -11.67
N THR A 151 25.75 -9.71 -12.64
CA THR A 151 25.16 -10.75 -13.47
C THR A 151 25.91 -12.07 -13.33
N GLN A 154 18.94 -13.72 -11.92
CA GLN A 154 18.64 -13.51 -10.50
C GLN A 154 18.09 -12.11 -10.18
N LEU A 155 17.35 -11.52 -11.10
CA LEU A 155 16.65 -10.28 -10.78
C LEU A 155 15.62 -10.53 -9.68
N GLY A 156 15.54 -9.61 -8.72
CA GLY A 156 14.58 -9.75 -7.65
C GLY A 156 14.98 -10.65 -6.49
N ALA A 157 16.15 -11.28 -6.54
CA ALA A 157 16.57 -12.19 -5.47
C ALA A 157 16.59 -11.49 -4.12
N SER A 158 17.09 -10.26 -4.07
CA SER A 158 17.28 -9.58 -2.78
C SER A 158 15.99 -8.93 -2.29
N ARG A 159 15.99 -8.58 -1.00
CA ARG A 159 14.90 -7.83 -0.40
C ARG A 159 14.73 -6.43 -1.00
N TYR A 160 15.75 -5.86 -1.63
CA TYR A 160 15.74 -4.44 -1.93
C TYR A 160 15.38 -4.17 -3.37
N LEU A 161 14.47 -3.22 -3.59
CA LEU A 161 14.04 -2.78 -4.91
C LEU A 161 14.08 -1.26 -4.94
N VAL A 162 14.97 -0.69 -5.76
CA VAL A 162 15.15 0.75 -5.86
C VAL A 162 14.60 1.17 -7.22
N ALA A 163 13.71 2.15 -7.25
CA ALA A 163 13.11 2.52 -8.52
C ALA A 163 12.88 4.03 -8.59
N GLU A 164 13.10 4.63 -9.76
CA GLU A 164 12.68 6.01 -9.97
CA GLU A 164 12.68 6.01 -9.92
C GLU A 164 11.16 6.07 -10.02
N ALA A 165 10.61 7.15 -9.48
CA ALA A 165 9.17 7.38 -9.47
C ALA A 165 8.90 8.66 -10.25
N ASP A 166 8.31 8.52 -11.43
CA ASP A 166 8.04 9.65 -12.30
C ASP A 166 6.67 10.21 -11.94
N GLU A 167 6.64 11.48 -11.59
CA GLU A 167 5.38 12.09 -11.15
C GLU A 167 4.32 12.03 -12.24
N SER A 168 4.74 11.98 -13.50
CA SER A 168 3.80 11.95 -14.62
C SER A 168 3.28 10.57 -14.95
N ASP A 169 3.72 9.53 -14.23
CA ASP A 169 3.27 8.18 -14.50
C ASP A 169 1.94 7.90 -13.78
N ALA A 170 1.11 7.08 -14.40
CA ALA A 170 -0.19 6.75 -13.81
C ALA A 170 -0.03 5.97 -12.50
N SER A 171 1.08 5.25 -12.35
CA SER A 171 1.32 4.45 -11.15
C SER A 171 1.90 5.27 -10.00
N PHE A 172 2.24 6.53 -10.23
CA PHE A 172 2.97 7.33 -9.25
C PHE A 172 2.24 7.38 -7.90
N LEU A 173 0.93 7.65 -7.91
CA LEU A 173 0.20 7.76 -6.66
C LEU A 173 -0.26 6.40 -6.12
N HIS A 174 0.19 5.30 -6.72
CA HIS A 174 -0.17 3.95 -6.28
C HIS A 174 1.03 3.12 -5.87
N LEU A 175 2.21 3.71 -5.80
CA LEU A 175 3.39 3.00 -5.29
C LEU A 175 3.25 2.80 -3.79
N GLN A 176 3.84 1.70 -3.30
CA GLN A 176 3.87 1.38 -1.87
C GLN A 176 5.32 1.24 -1.41
N PRO A 177 6.06 2.34 -1.36
CA PRO A 177 7.47 2.26 -0.95
C PRO A 177 7.60 2.16 0.55
N MET A 178 8.74 1.63 0.98
CA MET A 178 9.16 1.75 2.38
C MET A 178 9.94 3.03 2.62
N VAL A 179 10.64 3.52 1.61
CA VAL A 179 11.43 4.75 1.67
C VAL A 179 11.12 5.54 0.42
N ALA A 180 10.90 6.85 0.56
CA ALA A 180 10.61 7.68 -0.60
C ALA A 180 11.47 8.92 -0.56
N VAL A 181 12.08 9.26 -1.70
CA VAL A 181 12.95 10.43 -1.86
C VAL A 181 12.22 11.47 -2.69
N VAL A 182 12.29 12.73 -2.28
CA VAL A 182 11.93 13.82 -3.17
C VAL A 182 13.15 14.72 -3.31
N THR A 183 13.72 14.76 -4.51
CA THR A 183 14.94 15.54 -4.70
C THR A 183 14.65 17.03 -4.86
N ASN A 184 13.52 17.38 -5.44
CA ASN A 184 13.16 18.75 -5.76
C ASN A 184 11.82 18.70 -6.45
N ILE A 185 11.11 19.82 -6.42
CA ILE A 185 9.84 19.97 -7.13
C ILE A 185 9.96 21.30 -7.85
N ASP A 186 10.22 21.24 -9.16
CA ASP A 186 10.59 22.42 -9.91
C ASP A 186 9.55 22.63 -10.99
N ALA A 187 9.12 23.88 -11.14
CA ALA A 187 8.14 24.20 -12.17
C ALA A 187 8.77 24.19 -13.56
N ASP A 188 10.10 24.27 -13.64
CA ASP A 188 10.83 24.33 -14.91
C ASP A 188 10.33 25.49 -15.77
N HIS A 189 9.52 25.20 -16.77
CA HIS A 189 8.96 26.23 -17.63
C HIS A 189 7.48 26.46 -17.36
N MET A 190 6.97 25.93 -16.26
CA MET A 190 5.66 26.27 -15.73
C MET A 190 5.82 27.42 -14.75
N ALA A 191 4.85 28.34 -14.71
CA ALA A 191 5.05 29.49 -13.83
C ALA A 191 4.81 29.10 -12.38
N THR A 192 5.40 29.88 -11.47
CA THR A 192 5.60 29.43 -10.09
C THR A 192 4.33 29.54 -9.24
N TYR A 193 3.54 30.60 -9.41
CA TYR A 193 2.43 30.87 -8.50
C TYR A 193 1.07 30.63 -9.15
N GLY A 194 0.88 29.46 -9.75
CA GLY A 194 -0.39 29.16 -10.41
C GLY A 194 -1.09 27.94 -9.87
N GLY A 195 -2.19 27.54 -10.53
CA GLY A 195 -2.91 26.36 -10.11
C GLY A 195 -2.28 25.07 -10.55
N ASP A 196 -1.62 25.06 -11.72
CA ASP A 196 -0.98 23.85 -12.23
C ASP A 196 0.13 23.40 -11.29
N PHE A 197 1.07 24.29 -10.98
CA PHE A 197 2.16 23.94 -10.09
C PHE A 197 1.65 23.53 -8.71
N ASN A 198 0.53 24.11 -8.27
CA ASN A 198 -0.03 23.76 -6.98
C ASN A 198 -0.55 22.33 -6.97
N LYS A 199 -1.18 21.89 -8.07
CA LYS A 199 -1.60 20.50 -8.19
C LYS A 199 -0.39 19.56 -8.14
N LEU A 200 0.73 19.97 -8.73
CA LEU A 200 1.93 19.15 -8.67
C LEU A 200 2.41 18.98 -7.23
N LYS A 201 2.34 20.05 -6.43
CA LYS A 201 2.73 19.96 -5.03
C LYS A 201 1.90 18.94 -4.29
N LYS A 202 0.57 19.01 -4.46
CA LYS A 202 -0.32 18.06 -3.78
C LYS A 202 -0.02 16.63 -4.21
N THR A 203 0.29 16.43 -5.50
CA THR A 203 0.68 15.12 -5.98
C THR A 203 1.89 14.58 -5.23
N PHE A 204 2.91 15.42 -5.02
CA PHE A 204 4.08 14.94 -4.28
C PHE A 204 3.75 14.64 -2.83
N VAL A 205 2.88 15.44 -2.22
CA VAL A 205 2.46 15.19 -0.84
C VAL A 205 1.68 13.89 -0.74
N GLU A 206 0.76 13.64 -1.69
CA GLU A 206 0.00 12.41 -1.68
C GLU A 206 0.92 11.20 -1.89
N PHE A 207 1.90 11.34 -2.78
CA PHE A 207 2.92 10.31 -2.97
C PHE A 207 3.60 9.95 -1.65
N LEU A 208 4.08 10.96 -0.92
CA LEU A 208 4.75 10.69 0.36
C LEU A 208 3.80 10.06 1.37
N HIS A 209 2.52 10.39 1.30
CA HIS A 209 1.58 9.79 2.25
C HIS A 209 1.25 8.34 1.91
N ASN A 210 1.79 7.80 0.81
CA ASN A 210 1.70 6.37 0.58
C ASN A 210 2.77 5.61 1.34
N LEU A 211 3.71 6.31 1.95
CA LEU A 211 4.59 5.66 2.90
C LEU A 211 3.76 5.19 4.10
N PRO A 212 4.07 4.03 4.66
CA PRO A 212 3.52 3.69 5.97
C PRO A 212 4.09 4.60 7.03
N PHE A 213 3.40 4.65 8.16
CA PHE A 213 3.87 5.48 9.27
C PHE A 213 5.25 5.09 9.70
N TYR A 214 5.65 3.84 9.46
CA TYR A 214 6.98 3.39 9.85
C TYR A 214 7.99 3.54 8.71
N GLY A 215 7.58 4.09 7.58
CA GLY A 215 8.48 4.35 6.47
C GLY A 215 9.30 5.61 6.70
N LEU A 216 9.98 6.07 5.65
CA LEU A 216 10.89 7.21 5.75
C LEU A 216 10.78 8.09 4.52
N ALA A 217 10.61 9.38 4.74
CA ALA A 217 10.63 10.38 3.68
C ALA A 217 11.98 11.10 3.69
N VAL A 218 12.68 11.07 2.56
CA VAL A 218 14.01 11.67 2.42
C VAL A 218 13.86 12.90 1.54
N MET A 219 14.08 14.08 2.13
CA MET A 219 13.62 15.34 1.56
C MET A 219 14.76 16.34 1.42
N CYS A 220 14.94 16.84 0.20
CA CYS A 220 15.97 17.86 -0.05
C CYS A 220 15.44 19.23 0.34
N VAL A 221 15.83 19.73 1.52
CA VAL A 221 15.37 21.05 1.95
C VAL A 221 16.06 22.21 1.25
N ASP A 222 17.09 21.96 0.44
CA ASP A 222 17.61 23.03 -0.40
C ASP A 222 16.57 23.48 -1.42
N ASP A 223 15.68 22.59 -1.81
CA ASP A 223 14.67 22.95 -2.80
C ASP A 223 13.57 23.77 -2.15
N PRO A 224 13.25 24.95 -2.66
CA PRO A 224 12.23 25.78 -2.01
C PRO A 224 10.88 25.09 -1.83
N VAL A 225 10.45 24.31 -2.82
CA VAL A 225 9.10 23.72 -2.74
C VAL A 225 9.09 22.51 -1.83
N VAL A 226 10.16 21.72 -1.83
CA VAL A 226 10.26 20.63 -0.87
C VAL A 226 10.22 21.19 0.55
N ARG A 227 10.99 22.27 0.78
CA ARG A 227 10.95 22.91 2.08
C ARG A 227 9.55 23.38 2.42
N GLU A 228 8.84 23.93 1.43
CA GLU A 228 7.49 24.43 1.63
C GLU A 228 6.53 23.31 2.06
N ILE A 229 6.60 22.14 1.42
CA ILE A 229 5.64 21.08 1.72
C ILE A 229 6.07 20.21 2.88
N LEU A 230 7.31 20.35 3.35
CA LEU A 230 7.81 19.52 4.43
C LEU A 230 6.89 19.47 5.67
N PRO A 231 6.32 20.58 6.17
CA PRO A 231 5.42 20.47 7.33
C PRO A 231 4.15 19.67 7.08
N GLN A 232 3.80 19.41 5.82
CA GLN A 232 2.58 18.66 5.50
C GLN A 232 2.79 17.16 5.54
N ILE A 233 4.03 16.71 5.64
CA ILE A 233 4.34 15.29 5.57
C ILE A 233 4.21 14.70 6.97
N ALA A 234 3.16 13.93 7.19
CA ALA A 234 3.01 13.30 8.49
C ALA A 234 3.65 11.91 8.50
N ARG A 235 4.92 11.85 8.12
CA ARG A 235 5.72 10.64 8.08
C ARG A 235 7.11 10.98 8.60
N PRO A 236 7.84 10.00 9.15
CA PRO A 236 9.22 10.25 9.54
C PRO A 236 10.01 10.79 8.38
N THR A 237 10.82 11.82 8.64
CA THR A 237 11.53 12.55 7.59
CA THR A 237 11.52 12.54 7.60
C THR A 237 12.97 12.76 7.99
N VAL A 238 13.88 12.60 7.04
CA VAL A 238 15.25 13.05 7.17
C VAL A 238 15.47 14.03 6.02
N THR A 239 15.94 15.21 6.35
CA THR A 239 16.19 16.21 5.32
C THR A 239 17.67 16.22 4.98
N TYR A 240 17.99 16.67 3.78
CA TYR A 240 19.37 16.76 3.37
C TYR A 240 19.57 17.96 2.47
N GLY A 241 20.83 18.36 2.32
CA GLY A 241 21.17 19.42 1.40
C GLY A 241 22.42 20.14 1.85
N LEU A 242 22.72 21.24 1.18
CA LEU A 242 23.78 22.10 1.70
C LEU A 242 23.27 23.04 2.79
N SER A 243 21.95 23.14 2.95
CA SER A 243 21.36 24.08 3.91
C SER A 243 21.87 23.81 5.31
N GLU A 244 22.13 24.91 6.04
CA GLU A 244 22.65 24.80 7.40
C GLU A 244 21.72 24.00 8.31
N ASP A 245 20.41 23.96 7.99
CA ASP A 245 19.46 23.27 8.84
C ASP A 245 19.08 21.87 8.33
N ALA A 246 19.75 21.39 7.28
CA ALA A 246 19.51 20.02 6.82
C ALA A 246 19.98 19.05 7.89
N ASP A 247 19.20 17.98 8.11
CA ASP A 247 19.64 16.92 9.02
C ASP A 247 20.97 16.36 8.56
N VAL A 248 21.09 16.08 7.27
CA VAL A 248 22.26 15.44 6.66
C VAL A 248 22.83 16.43 5.66
N ARG A 249 24.03 16.94 5.94
CA ARG A 249 24.50 18.13 5.25
C ARG A 249 25.86 17.90 4.61
N ALA A 250 26.04 18.41 3.40
CA ALA A 250 27.37 18.42 2.76
C ALA A 250 28.09 19.72 3.10
N ILE A 251 29.33 19.60 3.55
CA ILE A 251 30.18 20.73 3.81
C ILE A 251 31.59 20.39 3.28
N ASN A 252 32.48 21.37 3.36
CA ASN A 252 33.89 21.17 3.01
C ASN A 252 34.00 20.57 1.60
N ILE A 253 33.27 21.18 0.67
CA ILE A 253 33.15 20.67 -0.70
C ILE A 253 34.35 21.15 -1.52
N ARG A 254 35.06 20.20 -2.15
CA ARG A 254 36.22 20.52 -2.98
C ARG A 254 36.02 19.88 -4.36
N GLN A 255 35.68 20.71 -5.35
CA GLN A 255 35.42 20.26 -6.72
C GLN A 255 36.75 20.14 -7.47
N GLU A 256 37.13 18.93 -7.84
CA GLU A 256 38.45 18.63 -8.42
C GLU A 256 38.27 18.08 -9.85
N GLY A 257 38.25 18.99 -10.83
CA GLY A 257 38.04 18.63 -12.22
C GLY A 257 36.68 17.99 -12.44
N MET A 258 36.65 16.66 -12.61
CA MET A 258 35.41 15.93 -12.77
C MET A 258 35.03 15.15 -11.52
N ARG A 259 35.83 15.22 -10.45
CA ARG A 259 35.61 14.50 -9.20
C ARG A 259 35.40 15.49 -8.06
N THR A 260 34.44 15.20 -7.17
CA THR A 260 34.07 16.11 -6.09
C THR A 260 34.20 15.46 -4.72
N TRP A 261 34.97 16.08 -3.83
CA TRP A 261 35.08 15.68 -2.43
C TRP A 261 34.14 16.51 -1.56
N PHE A 262 33.55 15.87 -0.55
CA PHE A 262 32.80 16.64 0.43
C PHE A 262 32.69 15.83 1.72
N THR A 263 32.47 16.55 2.82
CA THR A 263 32.28 15.95 4.12
C THR A 263 30.79 16.00 4.43
N VAL A 264 30.25 14.89 4.92
CA VAL A 264 28.83 14.81 5.23
CA VAL A 264 28.83 14.80 5.23
C VAL A 264 28.65 14.77 6.74
N LEU A 265 27.82 15.68 7.25
CA LEU A 265 27.39 15.67 8.64
C LEU A 265 26.11 14.84 8.73
N ARG A 266 26.05 13.96 9.71
CA ARG A 266 24.87 13.14 9.94
C ARG A 266 24.58 13.15 11.43
N PRO A 267 23.30 13.12 11.81
CA PRO A 267 22.97 13.06 13.24
C PRO A 267 23.60 11.84 13.91
N GLU A 268 24.24 12.09 15.04
CA GLU A 268 24.85 11.07 15.90
C GLU A 268 26.02 10.35 15.22
N ARG A 269 26.66 10.98 14.22
CA ARG A 269 27.80 10.36 13.56
C ARG A 269 28.94 11.36 13.44
N GLU A 270 30.16 10.83 13.35
CA GLU A 270 31.30 11.68 13.05
C GLU A 270 31.22 12.15 11.60
N PRO A 271 31.76 13.32 11.28
CA PRO A 271 31.76 13.76 9.87
C PRO A 271 32.45 12.72 9.00
N LEU A 272 31.87 12.46 7.83
CA LEU A 272 32.35 11.42 6.93
C LEU A 272 32.79 12.06 5.62
N ASP A 273 34.06 11.84 5.24
CA ASP A 273 34.57 12.33 3.97
C ASP A 273 34.28 11.33 2.86
N VAL A 274 33.64 11.82 1.79
CA VAL A 274 33.30 10.98 0.64
C VAL A 274 33.74 11.70 -0.63
N SER A 275 33.64 11.00 -1.76
CA SER A 275 33.86 11.63 -3.04
C SER A 275 32.96 10.95 -4.07
N VAL A 276 32.59 11.71 -5.09
CA VAL A 276 31.80 11.21 -6.21
C VAL A 276 32.55 11.55 -7.49
N ASN A 277 32.49 10.66 -8.48
CA ASN A 277 33.25 10.85 -9.72
C ASN A 277 32.46 11.59 -10.79
N MET A 278 31.68 12.61 -10.42
CA MET A 278 30.86 13.38 -11.35
C MET A 278 30.89 14.80 -10.84
N PRO A 279 31.04 15.80 -11.71
CA PRO A 279 31.09 17.18 -11.24
C PRO A 279 29.69 17.75 -11.00
N GLY A 280 29.66 18.91 -10.34
CA GLY A 280 28.41 19.62 -10.15
C GLY A 280 27.79 19.46 -8.78
N LEU A 281 27.34 20.55 -8.18
CA LEU A 281 26.74 20.46 -6.86
C LEU A 281 25.51 19.57 -6.86
N HIS A 282 24.81 19.47 -7.99
CA HIS A 282 23.65 18.58 -8.02
C HIS A 282 24.05 17.13 -7.78
N ASN A 283 25.28 16.75 -8.14
CA ASN A 283 25.71 15.40 -7.85
C ASN A 283 26.13 15.24 -6.41
N VAL A 284 26.55 16.31 -5.74
CA VAL A 284 26.67 16.27 -4.29
C VAL A 284 25.29 16.04 -3.66
N LEU A 285 24.27 16.69 -4.21
CA LEU A 285 22.91 16.48 -3.69
C LEU A 285 22.43 15.06 -3.94
N ASN A 286 22.65 14.54 -5.16
CA ASN A 286 22.30 13.15 -5.45
C ASN A 286 22.99 12.21 -4.49
N SER A 287 24.26 12.49 -4.15
CA SER A 287 25.01 11.67 -3.20
C SER A 287 24.45 11.79 -1.79
N LEU A 288 24.08 13.00 -1.37
CA LEU A 288 23.51 13.17 -0.03
C LEU A 288 22.25 12.35 0.15
N ALA A 289 21.35 12.38 -0.84
CA ALA A 289 20.15 11.55 -0.77
C ALA A 289 20.52 10.08 -0.58
N THR A 290 21.53 9.64 -1.32
CA THR A 290 21.99 8.26 -1.23
C THR A 290 22.52 7.94 0.16
N ILE A 291 23.31 8.85 0.73
CA ILE A 291 23.88 8.65 2.05
C ILE A 291 22.79 8.55 3.12
N VAL A 292 21.78 9.41 3.05
CA VAL A 292 20.64 9.33 3.99
C VAL A 292 20.06 7.93 4.00
N ILE A 293 19.73 7.41 2.81
CA ILE A 293 19.11 6.10 2.67
C ILE A 293 20.05 5.00 3.11
N ALA A 294 21.32 5.10 2.70
CA ALA A 294 22.28 4.09 3.10
C ALA A 294 22.47 4.10 4.61
N THR A 295 22.56 5.30 5.21
CA THR A 295 22.70 5.39 6.66
C THR A 295 21.49 4.78 7.34
N ASP A 296 20.30 5.12 6.86
CA ASP A 296 19.07 4.60 7.44
C ASP A 296 19.03 3.09 7.38
N GLU A 297 19.63 2.51 6.36
CA GLU A 297 19.60 1.05 6.24
CA GLU A 297 19.64 1.06 6.18
C GLU A 297 20.67 0.36 7.06
N GLY A 298 21.60 1.11 7.65
CA GLY A 298 22.65 0.51 8.44
C GLY A 298 23.89 0.18 7.66
N ILE A 299 24.03 0.71 6.45
CA ILE A 299 25.20 0.42 5.62
C ILE A 299 26.43 1.11 6.21
N SER A 300 27.57 0.41 6.21
CA SER A 300 28.79 0.92 6.83
C SER A 300 29.33 2.14 6.08
N ASP A 301 30.18 2.91 6.77
CA ASP A 301 30.88 4.02 6.13
C ASP A 301 31.71 3.54 4.93
N GLU A 302 32.41 2.42 5.08
CA GLU A 302 33.26 1.91 3.99
C GLU A 302 32.43 1.56 2.77
N ALA A 303 31.24 0.99 2.97
CA ALA A 303 30.41 0.67 1.82
C ALA A 303 29.86 1.94 1.20
N ILE A 304 29.54 2.94 2.01
CA ILE A 304 29.10 4.22 1.44
C ILE A 304 30.24 4.87 0.65
N VAL A 305 31.44 4.91 1.23
CA VAL A 305 32.58 5.50 0.50
C VAL A 305 32.87 4.71 -0.76
N GLN A 306 33.01 3.39 -0.63
CA GLN A 306 33.40 2.58 -1.79
C GLN A 306 32.28 2.51 -2.81
N GLY A 307 31.02 2.49 -2.36
CA GLY A 307 29.91 2.54 -3.30
C GLY A 307 29.86 3.84 -4.09
N LEU A 308 30.09 4.98 -3.42
CA LEU A 308 30.03 6.25 -4.14
C LEU A 308 31.23 6.42 -5.07
N SER A 309 32.41 6.00 -4.62
CA SER A 309 33.59 6.13 -5.48
C SER A 309 33.64 5.04 -6.54
N GLY A 310 32.92 3.92 -6.36
CA GLY A 310 32.93 2.93 -7.41
C GLY A 310 32.03 3.25 -8.58
N PHE A 311 31.11 4.20 -8.42
CA PHE A 311 30.15 4.56 -9.46
C PHE A 311 30.80 5.44 -10.51
N GLN A 312 30.65 5.08 -11.78
CA GLN A 312 31.22 5.86 -12.86
C GLN A 312 30.20 6.53 -13.77
N GLY A 313 28.96 6.04 -13.77
CA GLY A 313 27.90 6.64 -14.56
C GLY A 313 26.83 5.61 -14.87
N VAL A 314 25.70 6.14 -15.33
CA VAL A 314 24.58 5.28 -15.75
C VAL A 314 24.81 4.75 -17.15
N HIS B 6 15.52 1.73 10.40
CA HIS B 6 14.99 0.60 9.62
C HIS B 6 13.48 0.51 9.80
N HIS B 7 13.05 0.57 11.06
CA HIS B 7 11.64 0.67 11.41
C HIS B 7 11.52 1.96 12.22
N HIS B 8 10.82 2.95 11.68
CA HIS B 8 10.88 4.32 12.18
C HIS B 8 9.71 4.69 13.06
N MET B 9 8.90 3.71 13.45
CA MET B 9 7.84 3.92 14.42
C MET B 9 8.07 2.87 15.51
N ARG B 10 8.45 3.33 16.69
CA ARG B 10 8.55 2.44 17.84
C ARG B 10 7.60 2.84 18.95
N ARG B 11 7.44 4.14 19.17
CA ARG B 11 6.59 4.62 20.25
C ARG B 11 5.55 5.53 19.63
N ILE B 12 4.28 5.19 19.84
CA ILE B 12 3.16 5.96 19.34
C ILE B 12 2.50 6.61 20.55
N HIS B 13 2.19 7.90 20.43
CA HIS B 13 1.58 8.66 21.51
C HIS B 13 0.20 9.14 21.08
N PHE B 14 -0.81 8.85 21.89
CA PHE B 14 -2.20 9.23 21.62
C PHE B 14 -2.56 10.41 22.51
N VAL B 15 -2.99 11.49 21.89
CA VAL B 15 -3.47 12.65 22.64
C VAL B 15 -4.98 12.46 22.80
N GLY B 16 -5.42 12.18 24.03
CA GLY B 16 -6.83 11.85 24.26
C GLY B 16 -7.11 10.37 24.09
N ILE B 17 -6.29 9.53 24.71
CA ILE B 17 -6.28 8.10 24.43
C ILE B 17 -7.50 7.39 25.00
N GLY B 18 -8.16 7.96 26.00
CA GLY B 18 -9.38 7.40 26.54
C GLY B 18 -10.59 7.63 25.68
N GLY B 19 -10.44 8.36 24.58
CA GLY B 19 -11.55 8.64 23.69
C GLY B 19 -12.02 7.40 22.96
N ALA B 20 -13.31 7.42 22.59
CA ALA B 20 -13.96 6.20 22.12
C ALA B 20 -13.34 5.64 20.84
N GLY B 21 -12.85 6.49 19.96
CA GLY B 21 -12.22 5.99 18.76
C GLY B 21 -10.75 5.70 18.98
N MET B 22 -10.19 6.28 20.02
CA MET B 22 -8.75 6.24 20.25
C MET B 22 -8.31 5.01 21.01
N CYS B 23 -9.08 4.60 22.02
CA CYS B 23 -8.63 3.54 22.91
C CYS B 23 -8.48 2.22 22.16
N GLY B 24 -9.39 1.93 21.21
CA GLY B 24 -9.27 0.70 20.45
C GLY B 24 -8.02 0.66 19.60
N ILE B 25 -7.70 1.77 18.93
CA ILE B 25 -6.51 1.81 18.08
C ILE B 25 -5.26 1.60 18.90
N ALA B 26 -5.19 2.27 20.06
CA ALA B 26 -4.07 2.06 20.97
C ALA B 26 -3.94 0.59 21.36
N GLU B 27 -5.05 -0.05 21.70
CA GLU B 27 -5.02 -1.44 22.10
C GLU B 27 -4.48 -2.33 20.98
N VAL B 28 -4.90 -2.09 19.74
CA VAL B 28 -4.39 -2.86 18.62
C VAL B 28 -2.89 -2.64 18.46
N LEU B 29 -2.44 -1.38 18.50
CA LEU B 29 -1.01 -1.11 18.37
C LEU B 29 -0.21 -1.79 19.47
N LEU B 30 -0.76 -1.87 20.68
CA LEU B 30 -0.12 -2.64 21.74
C LEU B 30 -0.02 -4.11 21.36
N ASN B 31 -1.12 -4.68 20.86
CA ASN B 31 -1.08 -6.08 20.46
C ASN B 31 -0.07 -6.31 19.34
N LEU B 32 0.19 -5.29 18.52
CA LEU B 32 1.16 -5.41 17.44
C LEU B 32 2.60 -5.33 17.94
N GLY B 33 2.81 -4.96 19.19
CA GLY B 33 4.15 -4.90 19.74
C GLY B 33 4.75 -3.51 19.83
N TYR B 34 3.99 -2.46 19.51
CA TYR B 34 4.51 -1.12 19.62
C TYR B 34 4.49 -0.64 21.06
N GLU B 35 5.39 0.28 21.38
CA GLU B 35 5.24 1.05 22.61
C GLU B 35 4.17 2.09 22.38
N VAL B 36 3.21 2.16 23.29
CA VAL B 36 2.11 3.10 23.18
C VAL B 36 2.04 3.92 24.46
N SER B 37 1.99 5.24 24.31
CA SER B 37 1.71 6.15 25.41
C SER B 37 0.50 6.97 25.06
N GLY B 38 -0.14 7.56 26.07
CA GLY B 38 -1.32 8.35 25.81
C GLY B 38 -1.62 9.31 26.94
N SER B 39 -2.19 10.45 26.58
CA SER B 39 -2.63 11.44 27.54
C SER B 39 -4.15 11.53 27.51
N ASP B 40 -4.75 11.87 28.64
CA ASP B 40 -6.19 12.09 28.72
C ASP B 40 -6.48 12.99 29.91
N LEU B 41 -7.64 13.66 29.83
CA LEU B 41 -8.03 14.62 30.86
C LEU B 41 -8.48 13.95 32.15
N LYS B 42 -8.88 12.69 32.11
CA LYS B 42 -9.29 12.03 33.33
C LYS B 42 -9.02 10.54 33.21
N ALA B 43 -8.58 9.92 34.29
CA ALA B 43 -8.42 8.47 34.30
C ALA B 43 -9.79 7.81 34.34
N SER B 44 -9.84 6.59 33.79
CA SER B 44 -11.09 5.85 33.64
C SER B 44 -10.76 4.37 33.51
N ALA B 45 -11.82 3.56 33.50
CA ALA B 45 -11.66 2.14 33.17
C ALA B 45 -10.97 1.95 31.83
N VAL B 46 -11.16 2.89 30.89
CA VAL B 46 -10.54 2.78 29.59
C VAL B 46 -9.03 2.88 29.71
N THR B 47 -8.55 3.90 30.41
CA THR B 47 -7.10 4.09 30.54
C THR B 47 -6.49 2.98 31.40
N GLU B 48 -7.20 2.53 32.44
CA GLU B 48 -6.65 1.49 33.30
C GLU B 48 -6.46 0.19 32.53
N ARG B 49 -7.45 -0.17 31.70
CA ARG B 49 -7.28 -1.32 30.82
C ARG B 49 -6.08 -1.15 29.90
N LEU B 50 -5.90 0.06 29.36
CA LEU B 50 -4.78 0.30 28.46
C LEU B 50 -3.44 0.14 29.16
N GLU B 51 -3.29 0.68 30.37
CA GLU B 51 -1.99 0.53 31.01
C GLU B 51 -1.68 -0.94 31.34
N LYS B 52 -2.71 -1.75 31.62
CA LYS B 52 -2.46 -3.18 31.85
C LYS B 52 -2.01 -3.88 30.59
N PHE B 53 -2.42 -3.39 29.42
CA PHE B 53 -1.89 -3.86 28.16
C PHE B 53 -0.53 -3.27 27.83
N GLY B 54 -0.01 -2.36 28.65
CA GLY B 54 1.30 -1.80 28.45
C GLY B 54 1.33 -0.33 28.07
N ALA B 55 0.19 0.35 28.02
CA ALA B 55 0.21 1.77 27.71
C ALA B 55 0.80 2.55 28.88
N GLN B 56 1.57 3.58 28.56
CA GLN B 56 1.99 4.56 29.54
C GLN B 56 0.97 5.70 29.49
N ILE B 57 0.27 5.93 30.61
CA ILE B 57 -0.85 6.87 30.64
C ILE B 57 -0.41 8.15 31.35
N PHE B 58 -0.75 9.29 30.76
CA PHE B 58 -0.54 10.60 31.38
C PHE B 58 -1.88 11.28 31.55
N ILE B 59 -2.13 11.86 32.71
CA ILE B 59 -3.34 12.61 32.97
C ILE B 59 -3.02 14.10 32.83
N GLY B 60 -3.83 14.81 32.06
CA GLY B 60 -3.55 16.19 31.73
C GLY B 60 -2.70 16.29 30.48
N HIS B 61 -2.54 17.51 29.99
CA HIS B 61 -1.73 17.73 28.79
C HIS B 61 -0.55 18.63 29.16
N GLN B 62 0.65 18.12 28.95
CA GLN B 62 1.87 18.92 29.10
C GLN B 62 2.87 18.45 28.05
N ALA B 63 3.70 19.37 27.57
CA ALA B 63 4.60 19.08 26.45
C ALA B 63 5.37 17.78 26.65
N GLU B 64 5.84 17.54 27.88
CA GLU B 64 6.71 16.39 28.13
C GLU B 64 6.02 15.06 27.92
N ASN B 65 4.68 15.02 27.93
CA ASN B 65 4.00 13.76 27.69
C ASN B 65 4.34 13.17 26.32
N ALA B 66 4.69 14.01 25.35
CA ALA B 66 5.02 13.51 24.01
C ALA B 66 6.49 13.12 23.86
N ASP B 67 7.29 13.27 24.91
CA ASP B 67 8.71 12.94 24.81
C ASP B 67 8.89 11.47 24.42
N GLY B 68 9.82 11.24 23.50
CA GLY B 68 10.13 9.90 23.05
C GLY B 68 9.23 9.34 21.97
N ALA B 69 8.12 9.98 21.66
CA ALA B 69 7.19 9.45 20.66
C ALA B 69 7.73 9.65 19.25
N ASP B 70 7.54 8.64 18.40
CA ASP B 70 7.87 8.76 16.99
C ASP B 70 6.72 9.29 16.17
N VAL B 71 5.50 9.10 16.63
CA VAL B 71 4.32 9.58 15.93
C VAL B 71 3.28 9.89 16.99
N LEU B 72 2.51 10.94 16.76
CA LEU B 72 1.38 11.28 17.60
C LEU B 72 0.09 11.02 16.83
N VAL B 73 -0.92 10.52 17.55
CA VAL B 73 -2.27 10.34 17.00
C VAL B 73 -3.20 11.26 17.78
N VAL B 74 -3.95 12.08 17.06
CA VAL B 74 -4.91 13.00 17.67
C VAL B 74 -6.31 12.62 17.22
N SER B 75 -7.30 13.04 18.01
CA SER B 75 -8.68 12.68 17.72
CA SER B 75 -8.68 12.68 17.72
C SER B 75 -9.08 13.06 16.30
N SER B 76 -8.97 14.35 15.96
CA SER B 76 -9.25 14.75 14.59
C SER B 76 -8.41 15.94 14.16
N ALA B 77 -8.82 17.16 14.53
CA ALA B 77 -8.10 18.36 14.12
C ALA B 77 -6.71 18.36 14.73
N ILE B 78 -5.76 18.96 14.01
CA ILE B 78 -4.38 19.03 14.47
C ILE B 78 -4.24 20.37 15.19
N ASN B 79 -4.35 20.32 16.52
CA ASN B 79 -4.48 21.48 17.39
C ASN B 79 -3.13 21.83 18.03
N ARG B 80 -2.41 22.80 17.44
CA ARG B 80 -1.15 23.30 17.99
C ARG B 80 -1.32 23.98 19.35
N ALA B 81 -2.55 24.24 19.77
CA ALA B 81 -2.74 24.75 21.12
C ALA B 81 -2.54 23.67 22.16
N ASN B 82 -2.60 22.40 21.77
CA ASN B 82 -2.27 21.32 22.69
C ASN B 82 -0.76 21.23 22.84
N PRO B 83 -0.21 21.34 24.06
CA PRO B 83 1.26 21.38 24.21
C PRO B 83 1.97 20.12 23.73
N GLU B 84 1.30 18.95 23.77
CA GLU B 84 1.90 17.72 23.27
C GLU B 84 2.02 17.79 21.76
N VAL B 85 0.95 18.20 21.10
CA VAL B 85 0.95 18.37 19.65
C VAL B 85 1.97 19.44 19.25
N ALA B 86 1.98 20.56 19.98
CA ALA B 86 2.89 21.65 19.64
C ALA B 86 4.34 21.20 19.76
N SER B 87 4.64 20.38 20.77
CA SER B 87 6.01 19.87 20.90
C SER B 87 6.36 18.99 19.71
N ALA B 88 5.46 18.09 19.32
CA ALA B 88 5.70 17.21 18.17
C ALA B 88 5.92 18.01 16.90
N LEU B 89 5.03 18.97 16.63
CA LEU B 89 5.18 19.77 15.42
C LEU B 89 6.50 20.52 15.41
N GLU B 90 6.90 21.09 16.55
CA GLU B 90 8.16 21.83 16.62
C GLU B 90 9.37 20.96 16.32
N ARG B 91 9.30 19.67 16.67
CA ARG B 91 10.40 18.74 16.48
C ARG B 91 10.20 17.86 15.25
N ARG B 92 9.22 18.20 14.40
CA ARG B 92 8.97 17.50 13.15
C ARG B 92 8.56 16.04 13.36
N ILE B 93 7.92 15.76 14.49
CA ILE B 93 7.33 14.44 14.73
C ILE B 93 5.99 14.35 14.01
N PRO B 94 5.73 13.28 13.25
CA PRO B 94 4.44 13.16 12.56
C PRO B 94 3.26 13.21 13.53
N VAL B 95 2.23 13.95 13.14
CA VAL B 95 0.97 14.02 13.88
C VAL B 95 -0.14 13.62 12.91
N VAL B 96 -0.87 12.55 13.23
CA VAL B 96 -1.87 12.02 12.30
C VAL B 96 -3.24 11.95 12.98
N PRO B 97 -4.31 12.21 12.24
CA PRO B 97 -5.65 12.04 12.81
C PRO B 97 -5.96 10.57 13.05
N ARG B 98 -6.87 10.33 13.98
CA ARG B 98 -7.25 8.98 14.37
CA ARG B 98 -7.16 8.95 14.35
C ARG B 98 -7.66 8.14 13.17
N ALA B 99 -8.45 8.73 12.25
CA ALA B 99 -8.94 7.97 11.10
C ALA B 99 -7.78 7.46 10.23
N GLU B 100 -6.67 8.19 10.18
CA GLU B 100 -5.55 7.76 9.37
C GLU B 100 -4.82 6.60 10.02
N MET B 101 -4.62 6.66 11.35
CA MET B 101 -3.99 5.52 12.03
C MET B 101 -4.89 4.29 11.98
N LEU B 102 -6.21 4.52 12.07
CA LEU B 102 -7.16 3.42 11.94
C LEU B 102 -7.00 2.71 10.60
N ALA B 103 -6.96 3.47 9.50
CA ALA B 103 -6.74 2.86 8.18
C ALA B 103 -5.42 2.12 8.15
N GLU B 104 -4.39 2.70 8.77
CA GLU B 104 -3.05 2.15 8.74
C GLU B 104 -3.02 0.74 9.32
N LEU B 105 -3.97 0.42 10.20
CA LEU B 105 -3.97 -0.89 10.84
C LEU B 105 -4.10 -2.02 9.82
N MET B 106 -4.70 -1.76 8.66
CA MET B 106 -4.85 -2.80 7.65
C MET B 106 -3.51 -3.27 7.09
N ARG B 107 -2.46 -2.47 7.24
CA ARG B 107 -1.14 -2.90 6.78
C ARG B 107 -0.64 -4.11 7.54
N TYR B 108 -1.16 -4.35 8.74
CA TYR B 108 -0.66 -5.40 9.62
C TYR B 108 -1.55 -6.63 9.66
N ARG B 109 -2.68 -6.60 8.97
CA ARG B 109 -3.68 -7.65 9.12
C ARG B 109 -4.24 -8.00 7.76
N HIS B 110 -4.95 -9.11 7.69
CA HIS B 110 -5.74 -9.44 6.49
C HIS B 110 -6.98 -8.55 6.53
N GLY B 111 -6.92 -7.42 5.85
CA GLY B 111 -7.96 -6.41 5.93
C GLY B 111 -9.08 -6.67 4.95
N ILE B 112 -10.31 -6.61 5.44
CA ILE B 112 -11.51 -6.78 4.64
C ILE B 112 -12.30 -5.48 4.75
N ALA B 113 -12.35 -4.71 3.67
CA ALA B 113 -12.95 -3.39 3.65
C ALA B 113 -14.31 -3.50 2.98
N VAL B 114 -15.35 -3.05 3.66
CA VAL B 114 -16.72 -3.18 3.17
C VAL B 114 -17.18 -1.79 2.77
N ALA B 115 -17.28 -1.55 1.47
CA ALA B 115 -17.67 -0.27 0.92
C ALA B 115 -18.99 -0.37 0.19
N GLY B 116 -19.51 0.78 -0.19
CA GLY B 116 -20.79 0.85 -0.87
C GLY B 116 -21.69 1.84 -0.17
N THR B 117 -22.68 2.36 -0.90
CA THR B 117 -23.60 3.34 -0.32
C THR B 117 -24.46 2.71 0.78
N HIS B 118 -25.02 1.54 0.51
CA HIS B 118 -25.95 0.91 1.44
C HIS B 118 -25.48 -0.50 1.78
N GLY B 119 -25.64 -0.88 3.04
CA GLY B 119 -25.34 -2.22 3.49
C GLY B 119 -23.99 -2.40 4.16
N LYS B 120 -23.17 -1.34 4.28
CA LYS B 120 -21.81 -1.50 4.83
C LYS B 120 -21.85 -2.03 6.25
N THR B 121 -22.69 -1.45 7.10
CA THR B 121 -22.68 -1.80 8.51
C THR B 121 -23.22 -3.21 8.72
N THR B 122 -24.36 -3.52 8.11
CA THR B 122 -24.94 -4.86 8.26
C THR B 122 -24.01 -5.93 7.71
N THR B 123 -23.43 -5.69 6.53
CA THR B 123 -22.52 -6.68 5.96
C THR B 123 -21.29 -6.88 6.84
N THR B 124 -20.73 -5.79 7.36
CA THR B 124 -19.60 -5.91 8.29
C THR B 124 -19.99 -6.76 9.50
N SER B 125 -21.17 -6.51 10.05
CA SER B 125 -21.65 -7.29 11.18
C SER B 125 -21.86 -8.75 10.80
N LEU B 126 -22.46 -8.99 9.63
CA LEU B 126 -22.66 -10.38 9.19
C LEU B 126 -21.33 -11.10 8.99
N ILE B 127 -20.34 -10.43 8.38
CA ILE B 127 -19.02 -11.05 8.23
C ILE B 127 -18.45 -11.42 9.60
N ALA B 128 -18.54 -10.50 10.56
CA ALA B 128 -18.02 -10.76 11.90
C ALA B 128 -18.71 -11.96 12.52
N SER B 129 -20.03 -12.08 12.34
CA SER B 129 -20.75 -13.20 12.92
C SER B 129 -20.39 -14.53 12.26
N VAL B 130 -20.27 -14.56 10.94
CA VAL B 130 -19.91 -15.80 10.26
C VAL B 130 -18.47 -16.21 10.58
N PHE B 131 -17.56 -15.23 10.60
CA PHE B 131 -16.17 -15.51 10.98
C PHE B 131 -16.07 -16.03 12.41
N ALA B 132 -16.87 -15.45 13.33
CA ALA B 132 -16.90 -15.94 14.70
C ALA B 132 -17.40 -17.38 14.74
N ALA B 133 -18.45 -17.68 13.98
CA ALA B 133 -18.96 -19.06 13.95
C ALA B 133 -17.90 -20.03 13.45
N GLY B 134 -17.02 -19.56 12.57
CA GLY B 134 -15.89 -20.33 12.10
C GLY B 134 -14.67 -20.26 12.98
N GLY B 135 -14.77 -19.63 14.14
CA GLY B 135 -13.64 -19.53 15.05
C GLY B 135 -12.53 -18.60 14.61
N LEU B 136 -12.81 -17.67 13.69
CA LEU B 136 -11.77 -16.77 13.21
C LEU B 136 -11.69 -15.46 14.00
N ASP B 137 -12.69 -15.19 14.84
CA ASP B 137 -12.71 -14.12 15.84
C ASP B 137 -12.08 -12.80 15.37
N PRO B 138 -12.64 -12.17 14.34
CA PRO B 138 -12.03 -10.96 13.79
C PRO B 138 -12.21 -9.76 14.71
N THR B 139 -11.32 -8.80 14.52
CA THR B 139 -11.56 -7.45 14.97
C THR B 139 -12.29 -6.76 13.85
N PHE B 140 -13.32 -5.99 14.20
CA PHE B 140 -14.11 -5.33 13.18
C PHE B 140 -14.43 -3.91 13.62
N VAL B 141 -14.61 -3.03 12.63
CA VAL B 141 -14.73 -1.59 12.85
C VAL B 141 -16.07 -1.15 12.30
N ILE B 142 -16.92 -0.65 13.18
CA ILE B 142 -18.20 -0.04 12.84
C ILE B 142 -18.24 1.34 13.48
N GLY B 143 -18.51 2.37 12.68
CA GLY B 143 -18.57 3.72 13.22
C GLY B 143 -17.30 4.22 13.87
N GLY B 144 -16.14 3.81 13.36
CA GLY B 144 -14.88 4.22 13.95
C GLY B 144 -14.55 3.60 15.28
N ARG B 145 -15.26 2.56 15.69
CA ARG B 145 -15.01 1.85 16.94
C ARG B 145 -14.57 0.42 16.65
N LEU B 146 -13.55 -0.04 17.35
CA LEU B 146 -13.01 -1.38 17.18
C LEU B 146 -13.67 -2.35 18.18
N ASN B 147 -14.04 -3.54 17.69
CA ASN B 147 -14.67 -4.59 18.50
C ASN B 147 -14.04 -5.92 18.12
N ALA B 148 -14.19 -6.94 18.99
CA ALA B 148 -13.66 -8.26 18.70
C ALA B 148 -14.75 -9.32 18.83
N ALA B 149 -14.67 -10.34 17.97
CA ALA B 149 -15.67 -11.42 17.91
C ALA B 149 -15.10 -12.77 18.34
N ALA B 153 -10.15 -11.39 25.09
CA ALA B 153 -9.58 -11.41 23.74
C ALA B 153 -9.22 -9.99 23.30
N GLN B 154 -7.92 -9.73 23.10
CA GLN B 154 -7.46 -8.37 22.82
C GLN B 154 -7.78 -7.97 21.39
N LEU B 155 -8.05 -6.68 21.21
CA LEU B 155 -8.23 -6.12 19.88
C LEU B 155 -6.96 -6.31 19.05
N GLY B 156 -7.14 -6.65 17.79
CA GLY B 156 -6.04 -6.88 16.87
C GLY B 156 -5.39 -8.24 17.00
N ALA B 157 -5.81 -9.06 17.96
CA ALA B 157 -5.24 -10.39 18.12
C ALA B 157 -5.43 -11.22 16.86
N SER B 158 -6.57 -11.08 16.21
CA SER B 158 -6.92 -11.92 15.09
C SER B 158 -6.12 -11.55 13.85
N ARG B 159 -6.04 -12.52 12.95
CA ARG B 159 -5.44 -12.32 11.64
C ARG B 159 -6.23 -11.32 10.80
N TYR B 160 -7.51 -11.15 11.11
CA TYR B 160 -8.47 -10.45 10.26
C TYR B 160 -8.88 -9.11 10.85
N LEU B 161 -9.01 -8.11 9.99
CA LEU B 161 -9.54 -6.81 10.39
C LEU B 161 -10.61 -6.48 9.37
N VAL B 162 -11.86 -6.42 9.83
CA VAL B 162 -13.01 -6.16 8.97
C VAL B 162 -13.48 -4.75 9.27
N ALA B 163 -13.60 -3.91 8.24
CA ALA B 163 -13.94 -2.53 8.53
C ALA B 163 -14.83 -1.96 7.45
N GLU B 164 -15.86 -1.24 7.86
CA GLU B 164 -16.60 -0.46 6.88
C GLU B 164 -15.69 0.63 6.34
N ALA B 165 -15.90 0.97 5.08
CA ALA B 165 -15.11 1.98 4.38
C ALA B 165 -16.09 3.00 3.84
N ASP B 166 -16.07 4.20 4.41
CA ASP B 166 -16.99 5.26 4.00
C ASP B 166 -16.34 6.06 2.88
N GLU B 167 -17.01 6.12 1.74
CA GLU B 167 -16.45 6.78 0.56
C GLU B 167 -16.15 8.27 0.82
N SER B 168 -16.86 8.90 1.75
CA SER B 168 -16.65 10.32 2.01
C SER B 168 -15.50 10.58 2.99
N ASP B 169 -14.87 9.54 3.51
CA ASP B 169 -13.81 9.73 4.49
C ASP B 169 -12.48 10.03 3.80
N ALA B 170 -11.66 10.85 4.46
CA ALA B 170 -10.38 11.25 3.89
C ALA B 170 -9.44 10.05 3.77
N SER B 171 -9.62 9.04 4.62
CA SER B 171 -8.79 7.84 4.59
C SER B 171 -9.25 6.82 3.57
N PHE B 172 -10.39 7.03 2.91
CA PHE B 172 -10.98 6.00 2.05
C PHE B 172 -10.01 5.55 0.96
N LEU B 173 -9.38 6.52 0.28
CA LEU B 173 -8.46 6.20 -0.80
C LEU B 173 -7.06 5.84 -0.33
N HIS B 174 -6.88 5.63 0.98
CA HIS B 174 -5.59 5.23 1.53
C HIS B 174 -5.66 3.90 2.27
N LEU B 175 -6.77 3.18 2.19
CA LEU B 175 -6.84 1.86 2.78
C LEU B 175 -5.98 0.89 1.98
N GLN B 176 -5.41 -0.10 2.66
CA GLN B 176 -4.65 -1.16 1.99
C GLN B 176 -5.28 -2.52 2.35
N PRO B 177 -6.50 -2.77 1.90
CA PRO B 177 -7.15 -4.03 2.25
C PRO B 177 -6.65 -5.17 1.38
N MET B 178 -6.83 -6.38 1.90
CA MET B 178 -6.68 -7.59 1.08
C MET B 178 -7.94 -7.93 0.31
N VAL B 179 -9.11 -7.59 0.84
CA VAL B 179 -10.40 -7.89 0.22
C VAL B 179 -11.24 -6.63 0.31
N ALA B 180 -11.89 -6.25 -0.79
CA ALA B 180 -12.74 -5.07 -0.78
C ALA B 180 -14.09 -5.44 -1.37
N VAL B 181 -15.16 -5.07 -0.68
CA VAL B 181 -16.54 -5.29 -1.10
C VAL B 181 -17.11 -3.97 -1.58
N VAL B 182 -17.81 -3.97 -2.70
CA VAL B 182 -18.66 -2.84 -3.06
C VAL B 182 -20.09 -3.35 -3.21
N THR B 183 -20.96 -2.93 -2.31
CA THR B 183 -22.33 -3.40 -2.33
C THR B 183 -23.17 -2.68 -3.39
N ASN B 184 -22.88 -1.41 -3.66
CA ASN B 184 -23.65 -0.57 -4.57
C ASN B 184 -23.03 0.82 -4.55
N ILE B 185 -23.32 1.59 -5.59
CA ILE B 185 -22.85 2.96 -5.70
C ILE B 185 -24.07 3.79 -6.10
N ASP B 186 -24.64 4.52 -5.15
CA ASP B 186 -25.95 5.13 -5.26
C ASP B 186 -25.87 6.64 -5.08
N ALA B 187 -26.71 7.37 -5.82
CA ALA B 187 -26.74 8.84 -5.76
C ALA B 187 -27.29 9.39 -4.44
N ASP B 188 -27.93 8.57 -3.61
CA ASP B 188 -28.48 9.04 -2.33
C ASP B 188 -27.41 9.63 -1.42
N ASP B 196 -20.84 15.57 -7.94
CA ASP B 196 -20.38 14.95 -9.18
C ASP B 196 -20.37 13.42 -9.01
N PHE B 197 -21.47 12.79 -9.43
CA PHE B 197 -21.58 11.34 -9.31
C PHE B 197 -20.47 10.64 -10.10
N ASN B 198 -20.02 11.24 -11.20
CA ASN B 198 -18.95 10.62 -11.98
C ASN B 198 -17.64 10.60 -11.22
N LYS B 199 -17.35 11.67 -10.47
CA LYS B 199 -16.20 11.64 -9.58
C LYS B 199 -16.36 10.55 -8.52
N LEU B 200 -17.60 10.32 -8.07
CA LEU B 200 -17.86 9.26 -7.12
C LEU B 200 -17.53 7.89 -7.71
N LYS B 201 -17.84 7.66 -8.98
CA LYS B 201 -17.49 6.38 -9.61
C LYS B 201 -15.98 6.17 -9.63
N LYS B 202 -15.24 7.18 -10.05
CA LYS B 202 -13.78 7.05 -10.12
C LYS B 202 -13.19 6.79 -8.74
N THR B 203 -13.78 7.41 -7.70
CA THR B 203 -13.33 7.16 -6.33
C THR B 203 -13.42 5.68 -5.98
N PHE B 204 -14.53 5.04 -6.33
CA PHE B 204 -14.68 3.61 -6.04
C PHE B 204 -13.72 2.76 -6.88
N VAL B 205 -13.46 3.17 -8.13
CA VAL B 205 -12.50 2.44 -8.97
C VAL B 205 -11.10 2.55 -8.38
N GLU B 206 -10.70 3.75 -7.96
CA GLU B 206 -9.38 3.90 -7.35
C GLU B 206 -9.28 3.16 -6.03
N PHE B 207 -10.34 3.18 -5.24
CA PHE B 207 -10.38 2.38 -4.02
C PHE B 207 -10.07 0.91 -4.31
N LEU B 208 -10.78 0.33 -5.28
CA LEU B 208 -10.58 -1.07 -5.62
C LEU B 208 -9.17 -1.34 -6.16
N HIS B 209 -8.57 -0.38 -6.85
CA HIS B 209 -7.21 -0.59 -7.33
C HIS B 209 -6.17 -0.47 -6.23
N ASN B 210 -6.58 -0.17 -4.99
CA ASN B 210 -5.64 -0.26 -3.87
C ASN B 210 -5.47 -1.70 -3.38
N LEU B 211 -6.28 -2.62 -3.89
CA LEU B 211 -6.03 -4.04 -3.66
C LEU B 211 -4.71 -4.45 -4.31
N PRO B 212 -3.94 -5.34 -3.68
CA PRO B 212 -2.83 -5.96 -4.41
C PRO B 212 -3.41 -6.85 -5.49
N PHE B 213 -2.56 -7.21 -6.46
CA PHE B 213 -3.03 -8.09 -7.53
C PHE B 213 -3.51 -9.43 -6.98
N TYR B 214 -3.04 -9.83 -5.80
CA TYR B 214 -3.47 -11.11 -5.23
C TYR B 214 -4.67 -10.93 -4.31
N GLY B 215 -5.19 -9.72 -4.20
CA GLY B 215 -6.37 -9.44 -3.39
C GLY B 215 -7.65 -9.81 -4.14
N LEU B 216 -8.78 -9.38 -3.58
CA LEU B 216 -10.07 -9.76 -4.13
C LEU B 216 -11.07 -8.61 -4.03
N ALA B 217 -11.70 -8.29 -5.16
CA ALA B 217 -12.77 -7.31 -5.22
C ALA B 217 -14.08 -8.09 -5.24
N VAL B 218 -14.94 -7.81 -4.28
CA VAL B 218 -16.22 -8.50 -4.14
C VAL B 218 -17.30 -7.52 -4.55
N MET B 219 -17.99 -7.79 -5.67
CA MET B 219 -18.77 -6.78 -6.38
C MET B 219 -20.23 -7.21 -6.56
N CYS B 220 -21.16 -6.36 -6.11
CA CYS B 220 -22.58 -6.69 -6.27
C CYS B 220 -23.03 -6.32 -7.69
N VAL B 221 -23.15 -7.31 -8.58
CA VAL B 221 -23.55 -6.99 -9.95
C VAL B 221 -25.02 -6.68 -10.11
N ASP B 222 -25.82 -6.91 -9.06
CA ASP B 222 -27.19 -6.42 -9.11
C ASP B 222 -27.24 -4.90 -9.18
N ASP B 223 -26.22 -4.23 -8.64
CA ASP B 223 -26.21 -2.77 -8.66
C ASP B 223 -25.78 -2.25 -10.02
N PRO B 224 -26.58 -1.39 -10.66
CA PRO B 224 -26.20 -0.92 -12.01
C PRO B 224 -24.83 -0.29 -12.10
N VAL B 225 -24.43 0.49 -11.08
CA VAL B 225 -23.19 1.23 -11.21
C VAL B 225 -22.00 0.32 -10.94
N VAL B 226 -22.13 -0.59 -9.98
CA VAL B 226 -21.11 -1.61 -9.74
C VAL B 226 -20.88 -2.44 -11.01
N ARG B 227 -21.97 -2.88 -11.65
CA ARG B 227 -21.84 -3.63 -12.90
C ARG B 227 -21.12 -2.79 -13.95
N GLU B 228 -21.47 -1.51 -14.03
CA GLU B 228 -20.86 -0.60 -15.00
C GLU B 228 -19.36 -0.50 -14.80
N ILE B 229 -18.89 -0.38 -13.55
CA ILE B 229 -17.46 -0.18 -13.31
C ILE B 229 -16.68 -1.49 -13.27
N LEU B 230 -17.37 -2.64 -13.19
CA LEU B 230 -16.71 -3.93 -13.08
C LEU B 230 -15.62 -4.17 -14.13
N PRO B 231 -15.83 -3.91 -15.42
CA PRO B 231 -14.75 -4.15 -16.40
C PRO B 231 -13.53 -3.26 -16.20
N GLN B 232 -13.65 -2.19 -15.42
CA GLN B 232 -12.52 -1.29 -15.16
C GLN B 232 -11.63 -1.77 -14.03
N ILE B 233 -12.06 -2.78 -13.27
CA ILE B 233 -11.32 -3.24 -12.10
C ILE B 233 -10.29 -4.27 -12.58
N ALA B 234 -9.04 -3.89 -12.58
CA ALA B 234 -7.98 -4.81 -13.00
C ALA B 234 -7.41 -5.57 -11.80
N ARG B 235 -8.31 -6.19 -11.03
CA ARG B 235 -8.01 -7.01 -9.87
C ARG B 235 -8.91 -8.23 -9.90
N PRO B 236 -8.49 -9.35 -9.30
CA PRO B 236 -9.37 -10.51 -9.26
C PRO B 236 -10.71 -10.12 -8.64
N THR B 237 -11.78 -10.66 -9.20
CA THR B 237 -13.13 -10.29 -8.78
C THR B 237 -13.98 -11.53 -8.56
N VAL B 238 -14.87 -11.44 -7.58
CA VAL B 238 -16.01 -12.34 -7.43
C VAL B 238 -17.26 -11.47 -7.38
N THR B 239 -18.21 -11.76 -8.24
CA THR B 239 -19.45 -11.01 -8.28
C THR B 239 -20.52 -11.78 -7.52
N TYR B 240 -21.50 -11.04 -7.01
CA TYR B 240 -22.60 -11.68 -6.31
C TYR B 240 -23.89 -10.91 -6.57
N GLY B 241 -25.00 -11.58 -6.31
CA GLY B 241 -26.30 -10.95 -6.44
C GLY B 241 -27.34 -12.01 -6.77
N LEU B 242 -28.55 -11.53 -7.10
CA LEU B 242 -29.56 -12.41 -7.67
C LEU B 242 -29.41 -12.56 -9.17
N SER B 243 -28.60 -11.71 -9.80
CA SER B 243 -28.42 -11.70 -11.25
C SER B 243 -28.02 -13.07 -11.77
N GLU B 244 -28.58 -13.44 -12.94
CA GLU B 244 -28.30 -14.73 -13.56
C GLU B 244 -26.81 -14.93 -13.84
N ASP B 245 -26.03 -13.86 -13.98
CA ASP B 245 -24.60 -13.99 -14.26
C ASP B 245 -23.71 -13.80 -13.04
N ALA B 246 -24.28 -13.60 -11.85
CA ALA B 246 -23.46 -13.43 -10.65
C ALA B 246 -22.71 -14.72 -10.33
N ASP B 247 -21.41 -14.58 -10.01
CA ASP B 247 -20.59 -15.74 -9.61
C ASP B 247 -21.22 -16.46 -8.43
N VAL B 248 -21.64 -15.71 -7.42
CA VAL B 248 -22.19 -16.24 -6.19
C VAL B 248 -23.62 -15.73 -6.15
N ARG B 249 -24.58 -16.61 -6.33
CA ARG B 249 -25.92 -16.20 -6.67
C ARG B 249 -26.93 -16.75 -5.66
N ALA B 250 -27.89 -15.91 -5.29
CA ALA B 250 -29.03 -16.34 -4.50
C ALA B 250 -30.16 -16.76 -5.44
N ILE B 251 -30.71 -17.95 -5.22
CA ILE B 251 -31.91 -18.42 -5.91
C ILE B 251 -32.83 -19.03 -4.85
N ASN B 252 -34.02 -19.40 -5.30
CA ASN B 252 -35.00 -20.06 -4.44
C ASN B 252 -35.26 -19.25 -3.17
N ILE B 253 -35.49 -17.97 -3.34
CA ILE B 253 -35.65 -17.08 -2.19
C ILE B 253 -37.09 -17.22 -1.68
N ARG B 254 -37.22 -17.62 -0.42
CA ARG B 254 -38.53 -17.77 0.23
C ARG B 254 -38.46 -16.94 1.50
N GLN B 255 -39.15 -15.80 1.48
CA GLN B 255 -39.19 -14.91 2.63
C GLN B 255 -40.21 -15.44 3.63
N GLU B 256 -39.75 -15.85 4.81
CA GLU B 256 -40.61 -16.48 5.81
C GLU B 256 -40.60 -15.65 7.09
N GLY B 257 -41.48 -14.65 7.15
CA GLY B 257 -41.56 -13.78 8.32
C GLY B 257 -40.34 -12.95 8.66
N MET B 258 -39.57 -13.41 9.64
CA MET B 258 -38.38 -12.73 10.11
C MET B 258 -37.09 -13.36 9.58
N ARG B 259 -37.20 -14.50 8.93
CA ARG B 259 -36.06 -15.20 8.34
C ARG B 259 -36.32 -15.36 6.85
N THR B 260 -35.26 -15.23 6.04
CA THR B 260 -35.36 -15.41 4.60
C THR B 260 -34.46 -16.58 4.22
N TRP B 261 -35.06 -17.58 3.57
CA TRP B 261 -34.33 -18.74 3.08
C TRP B 261 -33.91 -18.51 1.64
N PHE B 262 -32.73 -18.99 1.29
CA PHE B 262 -32.33 -18.99 -0.10
C PHE B 262 -31.22 -20.01 -0.31
N THR B 263 -31.07 -20.42 -1.56
CA THR B 263 -29.99 -21.32 -1.96
C THR B 263 -28.89 -20.47 -2.60
N VAL B 264 -27.65 -20.68 -2.20
CA VAL B 264 -26.53 -19.92 -2.75
C VAL B 264 -25.72 -20.83 -3.66
N LEU B 265 -25.52 -20.36 -4.89
CA LEU B 265 -24.66 -21.04 -5.85
C LEU B 265 -23.28 -20.43 -5.75
N ARG B 266 -22.26 -21.28 -5.74
CA ARG B 266 -20.90 -20.75 -5.69
C ARG B 266 -20.05 -21.50 -6.69
N PRO B 267 -19.08 -20.84 -7.32
CA PRO B 267 -18.24 -21.53 -8.30
C PRO B 267 -17.56 -22.74 -7.67
N GLU B 268 -17.68 -23.87 -8.34
CA GLU B 268 -17.06 -25.14 -8.00
C GLU B 268 -17.57 -25.72 -6.69
N ARG B 269 -18.77 -25.34 -6.25
CA ARG B 269 -19.36 -25.89 -5.04
C ARG B 269 -20.78 -26.37 -5.33
N GLU B 270 -21.23 -27.30 -4.49
CA GLU B 270 -22.62 -27.73 -4.56
C GLU B 270 -23.52 -26.60 -4.07
N PRO B 271 -24.77 -26.56 -4.52
CA PRO B 271 -25.71 -25.56 -3.99
C PRO B 271 -25.86 -25.73 -2.48
N LEU B 272 -25.88 -24.60 -1.77
CA LEU B 272 -25.97 -24.59 -0.31
C LEU B 272 -27.23 -23.84 0.12
N ASP B 273 -28.07 -24.49 0.92
CA ASP B 273 -29.27 -23.87 1.46
C ASP B 273 -28.94 -23.14 2.75
N VAL B 274 -29.23 -21.84 2.81
CA VAL B 274 -28.97 -21.04 3.98
C VAL B 274 -30.21 -20.19 4.30
N SER B 275 -30.13 -19.49 5.42
CA SER B 275 -31.13 -18.49 5.77
C SER B 275 -30.46 -17.40 6.58
N VAL B 276 -31.02 -16.19 6.50
CA VAL B 276 -30.55 -15.07 7.29
C VAL B 276 -31.71 -14.66 8.17
N ASN B 277 -31.40 -14.32 9.42
CA ASN B 277 -32.45 -14.12 10.42
C ASN B 277 -32.96 -12.68 10.44
N MET B 278 -33.09 -12.08 9.26
CA MET B 278 -33.60 -10.73 9.09
C MET B 278 -34.38 -10.71 7.79
N PRO B 279 -35.53 -10.03 7.75
CA PRO B 279 -36.28 -9.94 6.49
C PRO B 279 -35.68 -8.90 5.57
N GLY B 280 -36.17 -8.90 4.32
CA GLY B 280 -35.79 -7.89 3.36
C GLY B 280 -34.80 -8.36 2.32
N LEU B 281 -35.07 -8.04 1.05
CA LEU B 281 -34.20 -8.51 -0.03
C LEU B 281 -32.78 -7.95 0.11
N HIS B 282 -32.64 -6.73 0.64
CA HIS B 282 -31.29 -6.19 0.81
C HIS B 282 -30.45 -7.05 1.74
N ASN B 283 -31.08 -7.77 2.68
CA ASN B 283 -30.31 -8.62 3.57
C ASN B 283 -29.92 -9.95 2.94
N VAL B 284 -30.63 -10.40 1.91
CA VAL B 284 -30.08 -11.49 1.11
C VAL B 284 -28.79 -11.03 0.44
N LEU B 285 -28.77 -9.78 -0.05
CA LEU B 285 -27.56 -9.26 -0.69
C LEU B 285 -26.42 -9.10 0.33
N ASN B 286 -26.72 -8.57 1.52
CA ASN B 286 -25.70 -8.47 2.56
C ASN B 286 -25.14 -9.85 2.89
N SER B 287 -26.01 -10.86 2.90
CA SER B 287 -25.59 -12.23 3.19
C SER B 287 -24.74 -12.79 2.05
N LEU B 288 -25.11 -12.49 0.81
CA LEU B 288 -24.33 -12.97 -0.31
C LEU B 288 -22.91 -12.45 -0.26
N ALA B 289 -22.75 -11.15 0.04
CA ALA B 289 -21.41 -10.59 0.22
C ALA B 289 -20.67 -11.34 1.30
N THR B 290 -21.34 -11.61 2.41
CA THR B 290 -20.70 -12.31 3.52
C THR B 290 -20.27 -13.69 3.08
N ILE B 291 -21.12 -14.39 2.32
CA ILE B 291 -20.80 -15.74 1.86
C ILE B 291 -19.57 -15.73 0.96
N VAL B 292 -19.48 -14.76 0.03
CA VAL B 292 -18.29 -14.67 -0.80
C VAL B 292 -17.05 -14.61 0.07
N ILE B 293 -17.08 -13.73 1.08
CA ILE B 293 -15.92 -13.51 1.94
C ILE B 293 -15.61 -14.75 2.78
N ALA B 294 -16.63 -15.34 3.39
CA ALA B 294 -16.42 -16.55 4.20
C ALA B 294 -15.91 -17.69 3.35
N THR B 295 -16.45 -17.82 2.14
CA THR B 295 -15.99 -18.85 1.23
C THR B 295 -14.52 -18.64 0.88
N ASP B 296 -14.14 -17.38 0.61
CA ASP B 296 -12.77 -17.10 0.25
C ASP B 296 -11.80 -17.48 1.37
N GLU B 297 -12.24 -17.40 2.63
CA GLU B 297 -11.41 -17.77 3.76
C GLU B 297 -11.60 -19.21 4.20
N GLY B 298 -12.31 -20.01 3.43
CA GLY B 298 -12.34 -21.43 3.74
C GLY B 298 -13.28 -21.81 4.86
N ILE B 299 -14.20 -20.93 5.22
CA ILE B 299 -15.16 -21.25 6.27
C ILE B 299 -16.13 -22.32 5.80
N SER B 300 -16.46 -23.24 6.70
CA SER B 300 -17.29 -24.39 6.37
C SER B 300 -18.73 -23.96 6.09
N ASP B 301 -19.45 -24.83 5.38
CA ASP B 301 -20.88 -24.60 5.19
C ASP B 301 -21.60 -24.47 6.52
N GLU B 302 -21.26 -25.32 7.49
CA GLU B 302 -21.96 -25.30 8.77
C GLU B 302 -21.76 -23.97 9.49
N ALA B 303 -20.55 -23.40 9.42
CA ALA B 303 -20.30 -22.13 10.09
C ALA B 303 -20.97 -20.96 9.38
N ILE B 304 -21.09 -21.03 8.05
CA ILE B 304 -21.81 -20.00 7.30
C ILE B 304 -23.29 -20.03 7.68
N VAL B 305 -23.87 -21.24 7.73
CA VAL B 305 -25.27 -21.38 8.10
C VAL B 305 -25.52 -20.85 9.51
N GLN B 306 -24.66 -21.23 10.46
CA GLN B 306 -24.86 -20.78 11.84
C GLN B 306 -24.68 -19.29 11.97
N GLY B 307 -23.66 -18.72 11.33
CA GLY B 307 -23.43 -17.29 11.44
C GLY B 307 -24.57 -16.46 10.86
N LEU B 308 -25.08 -16.87 9.70
CA LEU B 308 -26.15 -16.11 9.06
C LEU B 308 -27.48 -16.28 9.78
N SER B 309 -27.86 -17.51 10.15
CA SER B 309 -29.16 -17.73 10.73
C SER B 309 -29.22 -17.42 12.22
N GLY B 310 -28.07 -17.44 12.90
CA GLY B 310 -27.95 -17.05 14.31
C GLY B 310 -27.87 -15.56 14.54
N PHE B 311 -27.75 -14.79 13.45
CA PHE B 311 -27.51 -13.37 13.55
C PHE B 311 -28.75 -12.63 14.05
N GLN B 312 -28.56 -11.71 14.99
CA GLN B 312 -29.67 -10.98 15.57
C GLN B 312 -29.76 -9.52 15.15
N GLY B 313 -28.67 -8.90 14.74
CA GLY B 313 -28.73 -7.53 14.26
C GLY B 313 -27.43 -6.80 14.51
N VAL B 314 -27.34 -5.62 13.93
CA VAL B 314 -26.21 -4.73 14.16
C VAL B 314 -26.40 -4.00 15.49
#